data_8X6E
#
_entry.id   8X6E
#
_cell.length_a   49.014
_cell.length_b   168.635
_cell.length_c   39.819
_cell.angle_alpha   90.000
_cell.angle_beta   90.000
_cell.angle_gamma   90.000
#
_symmetry.space_group_name_H-M   'P 21 21 2'
#
loop_
_entity.id
_entity.type
_entity.pdbx_description
1 polymer 'Protein TBF1'
2 water water
#
_entity_poly.entity_id   1
_entity_poly.type   'polypeptide(L)'
_entity_poly.pdbx_seq_one_letter_code
;MDSQVPNNNESLNRFNDIIQSLPARTRLTICSLCLLDNISTQLLRFLILNANSPNIIAVLTDQTAFLSSGETEIFQTLVK
LFKQIRMIYHTRSPLLSVHDVAPGLWFPNSPPPLILRGHEAFIITAIRKANLLTFLLTSLNCLNYGFELLQSIFLDIFCP
NTNTVGNNSLEQSGKFLKSQAILYLDLKTQAYIAGLKEFQDETNEISLEKKQELLDLIFPSNLADILVQRRTGDSGDITL
LTPSEKDFVERCDRRRENLKIVQDFNSLTQSYEWAQFIRELLDYCNKNMGLIIWGRKGRGKSPLYDFDVN
;
_entity_poly.pdbx_strand_id   A
#
# COMPACT_ATOMS: atom_id res chain seq x y z
N ASN A 7 -22.19 -13.76 8.51
CA ASN A 7 -21.55 -14.74 9.39
C ASN A 7 -20.44 -14.09 10.21
N ASN A 8 -20.36 -14.45 11.50
CA ASN A 8 -19.34 -13.94 12.40
C ASN A 8 -18.25 -14.95 12.69
N ASN A 9 -18.30 -16.14 12.10
CA ASN A 9 -17.26 -17.15 12.30
C ASN A 9 -16.00 -16.72 11.55
N GLU A 10 -14.92 -16.47 12.30
CA GLU A 10 -13.66 -16.05 11.68
C GLU A 10 -12.84 -17.21 11.14
N SER A 11 -13.22 -18.45 11.44
CA SER A 11 -12.47 -19.58 10.91
C SER A 11 -12.96 -19.93 9.51
N LEU A 12 -12.27 -20.88 8.87
CA LEU A 12 -12.67 -21.36 7.57
C LEU A 12 -14.05 -22.01 7.58
N ASN A 13 -14.56 -22.35 8.76
CA ASN A 13 -15.89 -22.95 8.84
C ASN A 13 -16.99 -21.98 8.39
N ARG A 14 -16.71 -20.68 8.33
CA ARG A 14 -17.70 -19.73 7.84
C ARG A 14 -18.15 -20.03 6.42
N PHE A 15 -17.35 -20.77 5.65
CA PHE A 15 -17.64 -21.09 4.26
C PHE A 15 -18.25 -22.47 4.08
N ASN A 16 -18.65 -23.14 5.17
CA ASN A 16 -19.06 -24.54 5.05
C ASN A 16 -20.29 -24.70 4.16
N ASP A 17 -21.19 -23.71 4.13
CA ASP A 17 -22.41 -23.82 3.34
C ASP A 17 -22.13 -23.79 1.84
N ILE A 18 -21.02 -23.17 1.43
CA ILE A 18 -20.73 -23.01 0.00
C ILE A 18 -19.51 -23.80 -0.45
N ILE A 19 -18.78 -24.43 0.47
CA ILE A 19 -17.43 -24.93 0.15
C ILE A 19 -17.50 -26.00 -0.93
N GLN A 20 -18.51 -26.86 -0.91
CA GLN A 20 -18.59 -27.92 -1.91
C GLN A 20 -19.10 -27.43 -3.25
N SER A 21 -19.72 -26.25 -3.30
CA SER A 21 -20.14 -25.65 -4.56
C SER A 21 -18.99 -25.02 -5.33
N LEU A 22 -17.79 -24.96 -4.75
CA LEU A 22 -16.66 -24.27 -5.36
C LEU A 22 -15.67 -25.28 -5.94
N PRO A 23 -14.95 -24.92 -6.99
CA PRO A 23 -13.88 -25.79 -7.48
C PRO A 23 -12.77 -25.89 -6.45
N ALA A 24 -12.02 -27.00 -6.53
CA ALA A 24 -11.04 -27.34 -5.52
C ALA A 24 -10.07 -26.19 -5.25
N ARG A 25 -9.56 -25.55 -6.32
CA ARG A 25 -8.58 -24.50 -6.11
C ARG A 25 -9.22 -23.26 -5.48
N THR A 26 -10.50 -23.01 -5.75
CA THR A 26 -11.16 -21.89 -5.08
C THR A 26 -11.46 -22.22 -3.62
N ARG A 27 -11.66 -23.51 -3.28
CA ARG A 27 -11.70 -23.88 -1.87
C ARG A 27 -10.40 -23.49 -1.18
N LEU A 28 -9.27 -23.75 -1.83
CA LEU A 28 -7.98 -23.40 -1.26
C LEU A 28 -7.83 -21.89 -1.08
N THR A 29 -8.10 -21.11 -2.14
CA THR A 29 -7.91 -19.66 -2.02
C THR A 29 -8.91 -19.04 -1.05
N ILE A 30 -10.12 -19.58 -0.96
CA ILE A 30 -11.11 -19.05 -0.03
C ILE A 30 -10.76 -19.40 1.41
N CYS A 31 -10.47 -20.68 1.68
CA CYS A 31 -10.15 -21.09 3.04
C CYS A 31 -8.86 -20.47 3.53
N SER A 32 -7.89 -20.27 2.63
CA SER A 32 -6.61 -19.70 3.01
C SER A 32 -6.69 -18.20 3.27
N LEU A 33 -7.86 -17.58 3.06
CA LEU A 33 -8.02 -16.19 3.47
C LEU A 33 -7.82 -16.02 4.96
N CYS A 34 -8.12 -17.05 5.74
CA CYS A 34 -7.88 -17.00 7.17
C CYS A 34 -6.39 -16.97 7.47
N LEU A 35 -5.60 -17.75 6.73
CA LEU A 35 -4.15 -17.66 6.83
C LEU A 35 -3.66 -16.27 6.48
N LEU A 36 -4.18 -15.72 5.37
CA LEU A 36 -3.73 -14.42 4.89
C LEU A 36 -4.13 -13.30 5.83
N ASP A 37 -5.33 -13.36 6.40
CA ASP A 37 -5.74 -12.35 7.36
C ASP A 37 -4.93 -12.45 8.65
N ASN A 38 -4.68 -13.67 9.13
CA ASN A 38 -3.94 -13.83 10.38
C ASN A 38 -2.50 -13.34 10.23
N ILE A 39 -1.79 -13.83 9.22
CA ILE A 39 -0.38 -13.45 9.09
C ILE A 39 -0.26 -11.96 8.81
N SER A 40 -1.20 -11.39 8.06
CA SER A 40 -1.14 -9.96 7.81
C SER A 40 -1.38 -9.16 9.08
N THR A 41 -2.33 -9.60 9.91
CA THR A 41 -2.59 -8.90 11.16
C THR A 41 -1.39 -9.02 12.10
N GLN A 42 -0.80 -10.22 12.20
CA GLN A 42 0.39 -10.40 13.04
C GLN A 42 1.50 -9.44 12.62
N LEU A 43 1.75 -9.34 11.32
CA LEU A 43 2.89 -8.56 10.85
C LEU A 43 2.61 -7.05 10.88
N LEU A 44 1.37 -6.64 10.59
CA LEU A 44 1.02 -5.23 10.74
C LEU A 44 1.15 -4.81 12.21
N ARG A 45 0.60 -5.62 13.12
CA ARG A 45 0.78 -5.38 14.55
C ARG A 45 2.25 -5.20 14.92
N PHE A 46 3.07 -6.17 14.53
CA PHE A 46 4.50 -6.14 14.83
C PHE A 46 5.15 -4.85 14.30
N LEU A 47 4.82 -4.46 13.07
CA LEU A 47 5.43 -3.28 12.47
C LEU A 47 5.05 -2.02 13.23
N ILE A 48 3.76 -1.89 13.56
CA ILE A 48 3.32 -0.73 14.34
C ILE A 48 3.94 -0.76 15.74
N LEU A 49 3.92 -1.93 16.39
CA LEU A 49 4.44 -2.03 17.75
C LEU A 49 5.92 -1.63 17.83
N ASN A 50 6.67 -1.85 16.75
CA ASN A 50 8.11 -1.61 16.74
C ASN A 50 8.48 -0.40 15.89
N ALA A 51 7.54 0.53 15.66
CA ALA A 51 7.78 1.63 14.73
C ALA A 51 8.75 2.66 15.30
N ASN A 52 8.82 2.82 16.62
CA ASN A 52 9.69 3.82 17.25
C ASN A 52 10.79 3.09 18.02
N SER A 53 11.93 2.89 17.35
CA SER A 53 13.05 2.13 17.89
C SER A 53 14.21 2.21 16.90
N PRO A 54 15.32 1.49 17.12
CA PRO A 54 16.22 1.19 15.99
C PRO A 54 15.55 0.21 15.04
N ASN A 55 14.64 0.73 14.20
CA ASN A 55 13.83 -0.13 13.35
C ASN A 55 14.47 -0.37 11.99
N ILE A 56 15.10 0.66 11.40
CA ILE A 56 15.80 0.47 10.13
C ILE A 56 16.76 -0.70 10.22
N ILE A 57 17.33 -0.92 11.40
CA ILE A 57 18.18 -2.08 11.64
C ILE A 57 17.32 -3.34 11.79
N ALA A 58 16.33 -3.29 12.70
CA ALA A 58 15.63 -4.51 13.12
C ALA A 58 14.86 -5.13 11.97
N VAL A 59 14.14 -4.33 11.19
CA VAL A 59 13.40 -4.85 10.05
C VAL A 59 14.36 -4.95 8.86
N LEU A 60 14.55 -6.17 8.37
CA LEU A 60 15.51 -6.49 7.32
C LEU A 60 15.39 -7.98 6.98
N THR A 61 15.29 -8.29 5.68
CA THR A 61 15.19 -9.68 5.24
C THR A 61 16.54 -10.38 5.18
N ASP A 62 17.63 -9.69 5.49
CA ASP A 62 18.97 -10.22 5.27
C ASP A 62 19.58 -10.70 6.58
N GLN A 63 20.19 -11.88 6.55
CA GLN A 63 20.78 -12.50 7.73
C GLN A 63 22.27 -12.18 7.87
N SER A 69 19.09 -10.43 16.42
CA SER A 69 18.09 -9.93 17.37
C SER A 69 16.86 -10.83 17.42
N GLY A 70 16.30 -11.00 18.61
CA GLY A 70 15.11 -11.83 18.76
C GLY A 70 13.92 -11.26 18.01
N GLU A 71 13.76 -9.95 18.03
CA GLU A 71 12.70 -9.31 17.25
C GLU A 71 12.96 -9.46 15.76
N THR A 72 14.23 -9.51 15.34
CA THR A 72 14.54 -9.72 13.93
C THR A 72 14.17 -11.14 13.50
N GLU A 73 14.48 -12.13 14.33
CA GLU A 73 14.10 -13.50 14.02
C GLU A 73 12.58 -13.63 13.90
N ILE A 74 11.84 -12.93 14.75
CA ILE A 74 10.38 -12.94 14.66
C ILE A 74 9.93 -12.24 13.39
N PHE A 75 10.52 -11.08 13.08
CA PHE A 75 10.16 -10.37 11.87
C PHE A 75 10.42 -11.21 10.63
N GLN A 76 11.57 -11.89 10.58
CA GLN A 76 11.90 -12.69 9.41
C GLN A 76 11.01 -13.91 9.29
N THR A 77 10.64 -14.52 10.42
CA THR A 77 9.69 -15.62 10.39
C THR A 77 8.34 -15.16 9.86
N LEU A 78 7.87 -14.00 10.33
CA LEU A 78 6.59 -13.47 9.86
C LEU A 78 6.63 -13.11 8.38
N VAL A 79 7.70 -12.45 7.94
CA VAL A 79 7.80 -12.06 6.53
C VAL A 79 7.80 -13.28 5.63
N LYS A 80 8.59 -14.29 5.99
CA LYS A 80 8.66 -15.50 5.18
C LYS A 80 7.29 -16.19 5.09
N LEU A 81 6.55 -16.23 6.20
CA LEU A 81 5.20 -16.78 6.19
C LEU A 81 4.27 -15.95 5.31
N PHE A 82 4.36 -14.63 5.40
CA PHE A 82 3.52 -13.78 4.56
C PHE A 82 3.74 -14.07 3.08
N LYS A 83 5.01 -14.13 2.65
CA LYS A 83 5.29 -14.37 1.23
C LYS A 83 4.73 -15.70 0.77
N GLN A 84 4.85 -16.74 1.61
CA GLN A 84 4.40 -18.06 1.21
C GLN A 84 2.88 -18.15 1.16
N ILE A 85 2.20 -17.57 2.15
CA ILE A 85 0.74 -17.55 2.14
C ILE A 85 0.23 -16.69 0.98
N ARG A 86 0.87 -15.55 0.74
CA ARG A 86 0.44 -14.67 -0.36
C ARG A 86 0.61 -15.35 -1.72
N MET A 87 1.62 -16.21 -1.85
CA MET A 87 1.86 -16.92 -3.11
C MET A 87 0.74 -17.89 -3.47
N ILE A 88 -0.08 -18.30 -2.50
CA ILE A 88 -1.24 -19.16 -2.78
C ILE A 88 -2.06 -18.59 -3.92
N TYR A 89 -2.25 -17.28 -3.90
CA TYR A 89 -3.00 -16.58 -4.91
C TYR A 89 -2.07 -16.33 -6.09
N HIS A 90 -2.47 -16.79 -7.27
CA HIS A 90 -1.63 -16.69 -8.47
C HIS A 90 -1.93 -15.36 -9.13
N THR A 91 -1.22 -14.32 -8.70
CA THR A 91 -1.48 -12.96 -9.16
C THR A 91 -0.43 -12.56 -10.19
N ARG A 92 -0.89 -11.96 -11.29
CA ARG A 92 0.03 -11.32 -12.24
C ARG A 92 0.47 -9.95 -11.77
N SER A 93 -0.31 -9.30 -10.89
CA SER A 93 -0.06 -7.98 -10.34
C SER A 93 0.39 -8.07 -8.88
N PRO A 94 1.14 -7.09 -8.39
CA PRO A 94 1.54 -7.14 -6.97
C PRO A 94 0.37 -7.02 -6.00
N LEU A 95 -0.69 -6.30 -6.38
CA LEU A 95 -1.86 -6.13 -5.52
C LEU A 95 -2.84 -7.28 -5.72
N LEU A 96 -3.36 -7.81 -4.61
CA LEU A 96 -4.44 -8.78 -4.65
C LEU A 96 -5.76 -8.10 -4.99
N SER A 97 -6.61 -8.83 -5.72
CA SER A 97 -7.97 -8.38 -5.99
C SER A 97 -8.94 -9.49 -5.65
N VAL A 98 -10.22 -9.14 -5.54
CA VAL A 98 -11.25 -10.14 -5.22
C VAL A 98 -11.28 -11.24 -6.28
N HIS A 99 -10.86 -10.94 -7.51
CA HIS A 99 -10.88 -11.98 -8.54
C HIS A 99 -9.80 -13.03 -8.29
N ASP A 100 -8.68 -12.66 -7.67
CA ASP A 100 -7.70 -13.66 -7.31
C ASP A 100 -8.21 -14.59 -6.22
N VAL A 101 -9.19 -14.13 -5.44
CA VAL A 101 -9.71 -14.97 -4.35
C VAL A 101 -10.80 -15.89 -4.88
N ALA A 102 -11.68 -15.39 -5.73
CA ALA A 102 -12.81 -16.14 -6.29
C ALA A 102 -12.80 -16.01 -7.80
N PRO A 103 -11.82 -16.63 -8.47
CA PRO A 103 -11.72 -16.47 -9.93
C PRO A 103 -12.93 -17.05 -10.64
N GLY A 104 -13.42 -16.31 -11.62
CA GLY A 104 -14.62 -16.70 -12.33
C GLY A 104 -15.92 -16.38 -11.62
N LEU A 105 -15.86 -15.82 -10.40
CA LEU A 105 -17.04 -15.53 -9.61
C LEU A 105 -17.15 -14.06 -9.22
N TRP A 106 -16.09 -13.48 -8.66
CA TRP A 106 -16.11 -12.08 -8.24
C TRP A 106 -15.15 -11.31 -9.15
N PHE A 107 -15.72 -10.47 -10.02
CA PHE A 107 -14.90 -9.68 -10.93
C PHE A 107 -14.73 -8.26 -10.40
N PRO A 108 -13.53 -7.69 -10.50
CA PRO A 108 -13.31 -6.35 -9.98
C PRO A 108 -14.21 -5.33 -10.67
N ASN A 109 -14.64 -4.33 -9.89
CA ASN A 109 -15.57 -3.31 -10.36
C ASN A 109 -16.85 -3.94 -10.91
N SER A 110 -17.33 -4.97 -10.22
CA SER A 110 -18.58 -5.65 -10.52
C SER A 110 -19.24 -6.03 -9.21
N PRO A 111 -20.55 -6.25 -9.21
CA PRO A 111 -21.22 -6.68 -7.98
C PRO A 111 -20.67 -8.01 -7.52
N PRO A 112 -20.60 -8.23 -6.20
CA PRO A 112 -20.17 -9.53 -5.70
C PRO A 112 -21.15 -10.60 -6.10
N PRO A 113 -20.68 -11.83 -6.31
CA PRO A 113 -21.60 -12.92 -6.63
C PRO A 113 -22.47 -13.27 -5.43
N LEU A 114 -23.67 -13.77 -5.72
CA LEU A 114 -24.62 -14.10 -4.66
C LEU A 114 -24.06 -15.16 -3.72
N ILE A 115 -23.29 -16.11 -4.25
CA ILE A 115 -22.81 -17.21 -3.42
C ILE A 115 -21.84 -16.74 -2.34
N LEU A 116 -21.28 -15.54 -2.47
CA LEU A 116 -20.39 -14.99 -1.46
C LEU A 116 -21.07 -13.99 -0.53
N ARG A 117 -22.40 -13.87 -0.61
CA ARG A 117 -23.14 -12.95 0.24
C ARG A 117 -22.87 -13.27 1.72
N GLY A 118 -22.54 -12.23 2.49
CA GLY A 118 -22.16 -12.42 3.87
C GLY A 118 -20.68 -12.64 4.09
N HIS A 119 -19.88 -12.69 3.03
CA HIS A 119 -18.45 -12.83 3.14
C HIS A 119 -17.69 -11.67 2.52
N GLU A 120 -18.39 -10.66 1.99
CA GLU A 120 -17.75 -9.60 1.25
C GLU A 120 -16.77 -8.82 2.13
N ALA A 121 -17.21 -8.41 3.32
CA ALA A 121 -16.35 -7.61 4.18
C ALA A 121 -15.16 -8.43 4.67
N PHE A 122 -15.38 -9.71 4.97
CA PHE A 122 -14.30 -10.58 5.41
C PHE A 122 -13.24 -10.71 4.32
N ILE A 123 -13.67 -10.90 3.07
CA ILE A 123 -12.75 -11.08 1.96
C ILE A 123 -11.97 -9.80 1.68
N ILE A 124 -12.68 -8.67 1.64
CA ILE A 124 -12.05 -7.39 1.33
C ILE A 124 -11.11 -6.96 2.46
N THR A 125 -11.53 -7.15 3.71
CA THR A 125 -10.65 -6.87 4.84
C THR A 125 -9.33 -7.62 4.70
N ALA A 126 -9.41 -8.92 4.40
CA ALA A 126 -8.21 -9.74 4.31
C ALA A 126 -7.27 -9.25 3.20
N ILE A 127 -7.81 -8.98 2.01
CA ILE A 127 -6.91 -8.61 0.92
C ILE A 127 -6.38 -7.19 1.13
N ARG A 128 -7.15 -6.32 1.79
CA ARG A 128 -6.66 -4.96 2.03
C ARG A 128 -5.52 -4.94 3.03
N LYS A 129 -5.58 -5.80 4.07
CA LYS A 129 -4.45 -5.95 4.98
C LYS A 129 -3.22 -6.46 4.25
N ALA A 130 -3.42 -7.49 3.40
CA ALA A 130 -2.30 -8.04 2.65
C ALA A 130 -1.72 -6.99 1.70
N ASN A 131 -2.56 -6.23 1.02
CA ASN A 131 -2.07 -5.23 0.07
C ASN A 131 -1.34 -4.11 0.79
N LEU A 132 -1.85 -3.68 1.95
CA LEU A 132 -1.12 -2.72 2.76
C LEU A 132 0.25 -3.25 3.13
N LEU A 133 0.34 -4.53 3.46
CA LEU A 133 1.61 -5.13 3.84
C LEU A 133 2.58 -5.18 2.67
N THR A 134 2.08 -5.53 1.49
CA THR A 134 2.92 -5.51 0.30
C THR A 134 3.55 -4.13 0.11
N PHE A 135 2.74 -3.08 0.26
CA PHE A 135 3.25 -1.72 0.20
C PHE A 135 4.32 -1.47 1.26
N LEU A 136 3.99 -1.74 2.53
CA LEU A 136 4.92 -1.44 3.62
C LEU A 136 6.21 -2.23 3.50
N LEU A 137 6.10 -3.54 3.24
CA LEU A 137 7.30 -4.37 3.14
C LEU A 137 8.15 -4.02 1.93
N THR A 138 7.52 -3.55 0.85
CA THR A 138 8.30 -3.03 -0.28
C THR A 138 9.06 -1.77 0.12
N SER A 139 8.42 -0.86 0.86
CA SER A 139 9.10 0.32 1.38
C SER A 139 10.34 -0.08 2.18
N LEU A 140 10.20 -1.08 3.05
CA LEU A 140 11.30 -1.55 3.88
C LEU A 140 12.27 -2.43 3.10
N ASN A 141 12.08 -2.54 1.78
CA ASN A 141 12.93 -3.33 0.91
C ASN A 141 13.01 -4.79 1.36
N CYS A 142 11.90 -5.31 1.88
CA CYS A 142 11.81 -6.71 2.26
C CYS A 142 11.13 -7.57 1.21
N LEU A 143 10.61 -6.98 0.14
CA LEU A 143 10.11 -7.71 -1.01
C LEU A 143 10.96 -7.38 -2.23
N ASN A 144 10.78 -8.17 -3.29
CA ASN A 144 11.63 -8.06 -4.46
C ASN A 144 11.25 -6.88 -5.36
N TYR A 145 10.16 -6.19 -5.09
CA TYR A 145 9.76 -5.06 -5.91
C TYR A 145 10.67 -3.86 -5.67
N GLY A 146 10.81 -3.03 -6.70
CA GLY A 146 11.54 -1.80 -6.55
C GLY A 146 10.69 -0.70 -5.92
N PHE A 147 11.37 0.38 -5.52
CA PHE A 147 10.65 1.50 -4.93
C PHE A 147 9.67 2.14 -5.91
N GLU A 148 9.94 2.01 -7.21
CA GLU A 148 9.08 2.64 -8.21
C GLU A 148 7.68 2.04 -8.24
N LEU A 149 7.49 0.83 -7.69
CA LEU A 149 6.17 0.23 -7.65
C LEU A 149 5.25 0.93 -6.66
N LEU A 150 5.81 1.49 -5.59
CA LEU A 150 5.01 2.08 -4.53
C LEU A 150 4.11 3.19 -5.06
N GLN A 151 4.65 4.08 -5.89
CA GLN A 151 3.88 5.21 -6.39
C GLN A 151 2.65 4.76 -7.17
N SER A 152 2.74 3.64 -7.89
CA SER A 152 1.65 3.21 -8.76
C SER A 152 0.50 2.56 -8.00
N ILE A 153 0.74 2.07 -6.78
CA ILE A 153 -0.31 1.43 -6.00
C ILE A 153 -0.78 2.29 -4.85
N PHE A 154 -0.22 3.50 -4.68
CA PHE A 154 -0.50 4.28 -3.47
C PHE A 154 -1.99 4.58 -3.33
N LEU A 155 -2.60 5.12 -4.38
CA LEU A 155 -4.00 5.57 -4.26
C LEU A 155 -4.94 4.38 -4.05
N ASP A 156 -4.68 3.26 -4.71
CA ASP A 156 -5.52 2.08 -4.52
C ASP A 156 -5.58 1.66 -3.06
N ILE A 157 -4.43 1.71 -2.37
CA ILE A 157 -4.37 1.27 -0.98
C ILE A 157 -4.89 2.33 -0.03
N PHE A 158 -4.35 3.55 -0.12
CA PHE A 158 -4.64 4.58 0.88
C PHE A 158 -5.88 5.41 0.56
N CYS A 159 -6.48 5.25 -0.62
CA CYS A 159 -7.78 5.84 -0.94
C CYS A 159 -8.75 4.73 -1.33
N PRO A 160 -9.21 3.93 -0.36
CA PRO A 160 -10.09 2.80 -0.69
C PRO A 160 -11.44 3.29 -1.20
N ASN A 161 -11.89 2.69 -2.30
CA ASN A 161 -13.17 3.05 -2.92
C ASN A 161 -14.29 2.40 -2.12
N THR A 162 -14.69 3.06 -1.04
CA THR A 162 -15.71 2.54 -0.14
C THR A 162 -17.10 2.47 -0.76
N GLN A 172 -13.33 5.00 -8.59
CA GLN A 172 -12.89 5.37 -7.25
C GLN A 172 -13.92 6.21 -6.50
N SER A 173 -14.26 5.78 -5.28
CA SER A 173 -15.16 6.52 -4.41
C SER A 173 -14.49 6.96 -3.11
N GLY A 174 -13.21 6.64 -2.91
CA GLY A 174 -12.48 7.09 -1.73
C GLY A 174 -11.89 8.46 -1.97
N LYS A 175 -12.19 9.39 -1.05
CA LYS A 175 -11.79 10.76 -1.23
C LYS A 175 -10.33 10.95 -0.84
N PHE A 176 -9.58 11.62 -1.72
CA PHE A 176 -8.19 11.97 -1.49
C PHE A 176 -8.13 13.27 -0.69
N LEU A 177 -7.76 13.18 0.58
CA LEU A 177 -7.80 14.34 1.46
C LEU A 177 -6.40 14.76 1.87
N LYS A 178 -6.34 15.75 2.76
CA LYS A 178 -5.07 16.39 3.09
C LYS A 178 -4.06 15.40 3.66
N SER A 179 -4.52 14.45 4.46
CA SER A 179 -3.61 13.48 5.06
C SER A 179 -2.95 12.63 3.99
N GLN A 180 -3.74 12.11 3.04
CA GLN A 180 -3.16 11.34 1.95
C GLN A 180 -2.24 12.19 1.09
N ALA A 181 -2.62 13.46 0.89
CA ALA A 181 -1.81 14.35 0.06
C ALA A 181 -0.43 14.56 0.67
N ILE A 182 -0.35 14.66 1.99
CA ILE A 182 0.94 14.84 2.65
C ILE A 182 1.79 13.59 2.51
N LEU A 183 1.21 12.42 2.81
CA LEU A 183 1.93 11.17 2.68
C LEU A 183 2.36 10.92 1.24
N TYR A 184 1.47 11.20 0.29
CA TYR A 184 1.78 10.93 -1.12
C TYR A 184 2.96 11.76 -1.58
N LEU A 185 3.00 13.04 -1.20
CA LEU A 185 4.10 13.91 -1.63
C LEU A 185 5.43 13.42 -1.07
N ASP A 186 5.45 13.05 0.22
CA ASP A 186 6.67 12.48 0.79
C ASP A 186 7.07 11.21 0.05
N LEU A 187 6.10 10.37 -0.30
CA LEU A 187 6.38 9.13 -1.02
C LEU A 187 7.01 9.42 -2.37
N LYS A 188 6.37 10.33 -3.14
CA LYS A 188 6.92 10.70 -4.45
C LYS A 188 8.34 11.23 -4.31
N THR A 189 8.59 12.03 -3.26
CA THR A 189 9.94 12.58 -3.06
C THR A 189 10.94 11.48 -2.73
N GLN A 190 10.55 10.52 -1.89
CA GLN A 190 11.44 9.39 -1.60
C GLN A 190 11.67 8.53 -2.83
N ALA A 191 10.68 8.42 -3.73
CA ALA A 191 10.88 7.65 -4.95
C ALA A 191 11.91 8.31 -5.86
N TYR A 192 11.95 9.65 -5.88
CA TYR A 192 12.97 10.36 -6.63
C TYR A 192 14.35 10.12 -6.02
N ILE A 193 14.45 10.25 -4.69
CA ILE A 193 15.71 9.98 -4.00
C ILE A 193 16.16 8.53 -4.24
N ALA A 194 15.21 7.59 -4.17
CA ALA A 194 15.55 6.19 -4.40
C ALA A 194 15.96 5.96 -5.84
N GLY A 195 15.28 6.61 -6.78
CA GLY A 195 15.66 6.48 -8.18
C GLY A 195 17.06 7.02 -8.45
N LEU A 196 17.42 8.12 -7.79
CA LEU A 196 18.77 8.65 -7.93
C LEU A 196 19.79 7.77 -7.22
N LYS A 197 19.52 7.43 -5.94
CA LYS A 197 20.45 6.64 -5.14
C LYS A 197 20.89 5.37 -5.87
N GLU A 198 20.00 4.80 -6.68
CA GLU A 198 20.34 3.61 -7.45
C GLU A 198 21.53 3.86 -8.37
N PHE A 199 21.50 4.95 -9.13
CA PHE A 199 22.52 5.25 -10.12
C PHE A 199 23.47 6.35 -9.66
N GLN A 200 23.67 6.49 -8.36
CA GLN A 200 24.57 7.49 -7.81
C GLN A 200 25.94 6.88 -7.55
N ASP A 201 26.98 7.60 -7.97
CA ASP A 201 28.36 7.17 -7.73
C ASP A 201 28.82 7.70 -6.38
N GLU A 202 30.11 7.47 -6.09
CA GLU A 202 30.69 7.94 -4.84
C GLU A 202 30.67 9.47 -4.77
N THR A 203 30.87 10.12 -5.91
CA THR A 203 30.72 11.57 -5.98
C THR A 203 29.29 11.96 -5.63
N ASN A 204 29.12 13.20 -5.19
CA ASN A 204 27.80 13.70 -4.82
C ASN A 204 27.07 14.34 -5.99
N GLU A 205 27.63 14.29 -7.19
CA GLU A 205 27.04 14.95 -8.34
C GLU A 205 25.90 14.12 -8.91
N ILE A 206 24.76 14.76 -9.14
CA ILE A 206 23.55 14.10 -9.61
C ILE A 206 23.55 14.08 -11.13
N SER A 207 23.36 12.90 -11.70
CA SER A 207 23.26 12.78 -13.15
C SER A 207 22.06 13.57 -13.68
N LEU A 208 22.32 14.54 -14.55
CA LEU A 208 21.26 15.43 -15.00
C LEU A 208 20.24 14.70 -15.87
N GLU A 209 20.68 13.75 -16.70
CA GLU A 209 19.72 13.05 -17.55
C GLU A 209 18.83 12.12 -16.72
N LYS A 210 19.41 11.44 -15.72
CA LYS A 210 18.59 10.63 -14.84
C LYS A 210 17.72 11.50 -13.94
N LYS A 211 18.19 12.72 -13.62
CA LYS A 211 17.36 13.65 -12.86
C LYS A 211 16.09 14.01 -13.61
N GLN A 212 16.22 14.34 -14.89
CA GLN A 212 15.05 14.76 -15.66
C GLN A 212 14.10 13.61 -15.91
N GLU A 213 14.61 12.39 -16.07
CA GLU A 213 13.74 11.24 -16.30
C GLU A 213 12.83 10.99 -15.09
N LEU A 214 13.41 10.91 -13.90
CA LEU A 214 12.62 10.62 -12.71
C LEU A 214 11.58 11.72 -12.46
N LEU A 215 11.97 12.98 -12.66
CA LEU A 215 11.04 14.08 -12.38
C LEU A 215 9.84 14.05 -13.31
N ASP A 216 10.05 13.67 -14.57
CA ASP A 216 8.94 13.59 -15.52
C ASP A 216 7.99 12.45 -15.19
N LEU A 217 8.51 11.35 -14.65
CA LEU A 217 7.66 10.23 -14.27
C LEU A 217 6.96 10.47 -12.94
N ILE A 218 7.70 10.95 -11.95
CA ILE A 218 7.17 11.06 -10.60
C ILE A 218 6.31 12.32 -10.45
N PHE A 219 6.68 13.41 -11.12
CA PHE A 219 5.95 14.67 -11.04
C PHE A 219 5.53 15.09 -12.44
N PRO A 220 4.58 14.38 -13.05
CA PRO A 220 4.20 14.69 -14.43
C PRO A 220 3.40 15.97 -14.51
N SER A 221 3.41 16.56 -15.71
CA SER A 221 2.69 17.81 -15.93
C SER A 221 1.19 17.64 -16.05
N ASN A 222 0.71 16.44 -16.38
CA ASN A 222 -0.73 16.17 -16.46
C ASN A 222 -1.26 15.49 -15.20
N LEU A 223 -0.60 15.71 -14.05
CA LEU A 223 -1.00 15.02 -12.83
C LEU A 223 -2.45 15.31 -12.47
N ALA A 224 -2.90 16.56 -12.66
CA ALA A 224 -4.29 16.90 -12.37
C ALA A 224 -5.24 16.05 -13.21
N ASP A 225 -4.96 15.95 -14.52
CA ASP A 225 -5.76 15.09 -15.39
C ASP A 225 -5.75 13.66 -14.90
N ILE A 226 -4.58 13.16 -14.48
CA ILE A 226 -4.48 11.78 -14.02
C ILE A 226 -5.35 11.56 -12.80
N LEU A 227 -5.26 12.47 -11.81
CA LEU A 227 -6.04 12.33 -10.59
C LEU A 227 -7.54 12.31 -10.90
N VAL A 228 -8.00 13.22 -11.75
CA VAL A 228 -9.42 13.29 -12.07
C VAL A 228 -9.86 12.07 -12.86
N GLN A 229 -9.10 11.73 -13.92
CA GLN A 229 -9.49 10.63 -14.79
C GLN A 229 -9.55 9.30 -14.03
N ARG A 230 -8.68 9.13 -13.03
CA ARG A 230 -8.72 7.93 -12.21
C ARG A 230 -10.05 7.80 -11.47
N ARG A 231 -10.66 8.91 -11.07
CA ARG A 231 -11.94 8.88 -10.36
C ARG A 231 -13.14 8.87 -11.29
N THR A 232 -13.05 9.51 -12.46
CA THR A 232 -14.22 9.79 -13.28
C THR A 232 -14.17 9.17 -14.67
N GLY A 233 -13.04 8.67 -15.12
CA GLY A 233 -12.92 8.18 -16.47
C GLY A 233 -12.42 9.24 -17.43
N ASP A 234 -12.46 8.87 -18.72
CA ASP A 234 -11.90 9.71 -19.77
C ASP A 234 -12.66 11.02 -19.97
N SER A 235 -13.88 11.16 -19.43
CA SER A 235 -14.68 12.33 -19.70
C SER A 235 -14.47 13.46 -18.70
N GLY A 236 -13.79 13.20 -17.58
CA GLY A 236 -13.58 14.24 -16.59
C GLY A 236 -12.42 15.14 -16.92
N ASP A 237 -12.55 16.42 -16.55
CA ASP A 237 -11.41 17.32 -16.69
C ASP A 237 -11.21 18.09 -15.39
N ILE A 238 -10.29 19.05 -15.37
CA ILE A 238 -9.86 19.68 -14.13
C ILE A 238 -10.99 20.44 -13.44
N THR A 239 -12.15 20.59 -14.08
CA THR A 239 -13.32 21.15 -13.40
C THR A 239 -13.67 20.35 -12.15
N LEU A 240 -13.57 19.03 -12.22
CA LEU A 240 -13.92 18.15 -11.11
C LEU A 240 -12.79 17.95 -10.11
N LEU A 241 -11.62 18.52 -10.37
CA LEU A 241 -10.52 18.43 -9.40
C LEU A 241 -10.96 18.96 -8.05
N THR A 242 -10.78 18.16 -7.00
CA THR A 242 -11.21 18.57 -5.69
C THR A 242 -10.22 19.55 -5.09
N PRO A 243 -10.64 20.35 -4.10
CA PRO A 243 -9.68 21.27 -3.44
C PRO A 243 -8.45 20.58 -2.89
N SER A 244 -8.61 19.40 -2.28
CA SER A 244 -7.45 18.67 -1.77
C SER A 244 -6.53 18.25 -2.90
N GLU A 245 -7.11 17.77 -4.00
CA GLU A 245 -6.30 17.40 -5.16
C GLU A 245 -5.61 18.62 -5.76
N LYS A 246 -6.32 19.75 -5.84
CA LYS A 246 -5.73 20.97 -6.37
C LYS A 246 -4.50 21.39 -5.58
N ASP A 247 -4.59 21.38 -4.25
CA ASP A 247 -3.44 21.74 -3.43
C ASP A 247 -2.30 20.76 -3.63
N PHE A 248 -2.62 19.47 -3.74
CA PHE A 248 -1.58 18.46 -3.93
C PHE A 248 -0.82 18.69 -5.24
N VAL A 249 -1.56 18.94 -6.33
CA VAL A 249 -0.93 19.15 -7.63
C VAL A 249 0.04 20.34 -7.57
N GLU A 250 -0.40 21.44 -6.95
CA GLU A 250 0.46 22.62 -6.89
C GLU A 250 1.71 22.37 -6.06
N ARG A 251 1.58 21.65 -4.94
CA ARG A 251 2.76 21.29 -4.16
C ARG A 251 3.65 20.32 -4.92
N CYS A 252 3.08 19.48 -5.79
CA CYS A 252 3.89 18.59 -6.62
C CYS A 252 4.67 19.37 -7.67
N ASP A 253 4.01 20.31 -8.36
CA ASP A 253 4.72 21.14 -9.34
C ASP A 253 5.85 21.90 -8.68
N ARG A 254 5.59 22.46 -7.50
CA ARG A 254 6.63 23.22 -6.79
C ARG A 254 7.73 22.29 -6.28
N ARG A 255 7.36 21.09 -5.82
CA ARG A 255 8.36 20.12 -5.39
C ARG A 255 9.26 19.72 -6.55
N ARG A 256 8.68 19.49 -7.73
CA ARG A 256 9.49 19.15 -8.90
C ARG A 256 10.51 20.24 -9.20
N GLU A 257 10.06 21.51 -9.20
CA GLU A 257 10.95 22.61 -9.57
C GLU A 257 12.09 22.77 -8.59
N ASN A 258 11.79 22.68 -7.28
CA ASN A 258 12.87 22.79 -6.30
C ASN A 258 13.84 21.62 -6.38
N LEU A 259 13.36 20.43 -6.78
CA LEU A 259 14.26 19.29 -6.92
C LEU A 259 15.17 19.43 -8.13
N LYS A 260 14.73 20.17 -9.15
CA LYS A 260 15.56 20.40 -10.32
C LYS A 260 16.86 21.12 -9.94
N ILE A 261 16.80 22.01 -8.96
CA ILE A 261 17.91 22.90 -8.67
C ILE A 261 18.79 22.39 -7.53
N VAL A 262 18.60 21.15 -7.09
CA VAL A 262 19.46 20.54 -6.09
C VAL A 262 20.45 19.63 -6.82
N GLN A 263 21.75 19.85 -6.57
CA GLN A 263 22.80 19.06 -7.17
C GLN A 263 23.50 18.14 -6.19
N ASP A 264 23.39 18.40 -4.89
CA ASP A 264 24.06 17.61 -3.86
C ASP A 264 23.13 16.50 -3.40
N PHE A 265 23.39 15.28 -3.87
CA PHE A 265 22.54 14.15 -3.54
C PHE A 265 22.49 13.92 -2.03
N ASN A 266 23.61 14.13 -1.34
CA ASN A 266 23.64 13.86 0.09
C ASN A 266 22.76 14.85 0.86
N SER A 267 22.72 16.10 0.40
CA SER A 267 21.83 17.07 1.03
C SER A 267 20.36 16.71 0.80
N LEU A 268 20.05 16.13 -0.35
CA LEU A 268 18.72 15.59 -0.59
C LEU A 268 18.31 14.62 0.51
N THR A 269 19.16 13.61 0.77
CA THR A 269 18.81 12.62 1.77
C THR A 269 18.79 13.21 3.18
N GLN A 270 19.49 14.32 3.41
CA GLN A 270 19.39 15.00 4.69
C GLN A 270 18.08 15.77 4.82
N SER A 271 17.64 16.39 3.71
CA SER A 271 16.38 17.11 3.72
C SER A 271 15.21 16.16 3.97
N TYR A 272 15.20 15.02 3.28
CA TYR A 272 14.11 14.03 3.38
C TYR A 272 14.71 12.74 3.93
N GLU A 273 14.85 12.69 5.26
CA GLU A 273 15.55 11.60 5.91
C GLU A 273 14.76 10.30 5.84
N TRP A 274 15.46 9.21 5.53
CA TRP A 274 14.81 7.93 5.31
C TRP A 274 14.14 7.41 6.58
N ALA A 275 14.88 7.34 7.68
CA ALA A 275 14.31 6.84 8.93
C ALA A 275 13.12 7.68 9.37
N GLN A 276 13.15 8.98 9.09
CA GLN A 276 12.00 9.84 9.40
C GLN A 276 10.82 9.51 8.50
N PHE A 277 11.07 9.24 7.22
CA PHE A 277 9.98 8.88 6.32
C PHE A 277 9.30 7.58 6.77
N ILE A 278 10.09 6.54 7.05
CA ILE A 278 9.52 5.27 7.46
C ILE A 278 8.73 5.41 8.75
N ARG A 279 9.24 6.21 9.69
CA ARG A 279 8.52 6.40 10.95
C ARG A 279 7.16 7.05 10.71
N GLU A 280 7.13 8.11 9.89
CA GLU A 280 5.87 8.78 9.61
C GLU A 280 4.92 7.89 8.82
N LEU A 281 5.45 7.06 7.93
CA LEU A 281 4.60 6.13 7.19
C LEU A 281 3.96 5.11 8.12
N LEU A 282 4.74 4.55 9.04
CA LEU A 282 4.17 3.58 9.98
C LEU A 282 3.18 4.25 10.92
N ASP A 283 3.52 5.42 11.45
CA ASP A 283 2.59 6.14 12.31
C ASP A 283 1.30 6.50 11.56
N TYR A 284 1.43 6.86 10.28
CA TYR A 284 0.23 7.10 9.46
C TYR A 284 -0.66 5.86 9.43
N CYS A 285 -0.08 4.69 9.15
CA CYS A 285 -0.88 3.49 9.01
C CYS A 285 -1.58 3.14 10.32
N ASN A 286 -0.91 3.35 11.45
CA ASN A 286 -1.51 3.10 12.75
C ASN A 286 -2.76 3.96 12.94
N LYS A 287 -2.62 5.28 12.72
CA LYS A 287 -3.71 6.21 12.98
C LYS A 287 -4.82 6.14 11.94
N ASN A 288 -4.55 5.61 10.75
CA ASN A 288 -5.54 5.56 9.69
C ASN A 288 -5.92 4.12 9.32
N MET A 289 -5.62 3.15 10.18
CA MET A 289 -5.82 1.74 9.82
C MET A 289 -7.29 1.44 9.53
N GLY A 290 -8.20 2.02 10.32
CA GLY A 290 -9.61 1.81 10.05
C GLY A 290 -10.02 2.30 8.67
N LEU A 291 -9.55 3.48 8.28
CA LEU A 291 -9.87 4.01 6.96
C LEU A 291 -9.28 3.13 5.86
N ILE A 292 -8.02 2.72 6.01
CA ILE A 292 -7.37 1.91 4.99
C ILE A 292 -8.08 0.57 4.82
N ILE A 293 -8.40 -0.10 5.91
CA ILE A 293 -8.93 -1.45 5.83
C ILE A 293 -10.45 -1.45 5.62
N TRP A 294 -11.17 -0.61 6.36
CA TRP A 294 -12.63 -0.63 6.31
C TRP A 294 -13.22 0.42 5.38
N GLY A 295 -12.48 1.47 5.03
CA GLY A 295 -12.95 2.54 4.21
C GLY A 295 -13.31 3.79 4.97
N ARG A 296 -13.78 3.65 6.20
CA ARG A 296 -14.10 4.76 7.09
C ARG A 296 -13.46 4.50 8.44
N LYS A 297 -13.03 5.57 9.10
CA LYS A 297 -12.52 5.42 10.47
C LYS A 297 -13.64 5.02 11.42
N GLY A 298 -14.78 5.70 11.33
CA GLY A 298 -15.90 5.40 12.21
C GLY A 298 -15.51 5.75 13.64
N ARG A 299 -15.55 4.75 14.52
CA ARG A 299 -15.04 4.90 15.87
C ARG A 299 -13.53 4.66 15.87
N GLY A 300 -12.91 4.86 17.03
CA GLY A 300 -11.51 4.49 17.20
C GLY A 300 -11.33 3.00 17.41
N LYS A 301 -11.98 2.18 16.60
CA LYS A 301 -11.76 0.74 16.61
C LYS A 301 -10.63 0.40 15.65
N SER A 302 -9.77 -0.52 16.06
CA SER A 302 -8.63 -0.92 15.25
C SER A 302 -8.93 -2.22 14.53
N PRO A 303 -8.72 -2.29 13.21
CA PRO A 303 -8.81 -3.58 12.52
C PRO A 303 -7.79 -4.60 12.99
N LEU A 304 -6.71 -4.16 13.64
CA LEU A 304 -5.70 -5.10 14.12
C LEU A 304 -6.07 -5.73 15.47
N TYR A 305 -6.93 -5.08 16.26
CA TYR A 305 -7.31 -5.58 17.58
C TYR A 305 -8.81 -5.43 17.74
N ASP A 306 -9.55 -6.53 17.63
CA ASP A 306 -10.99 -6.51 17.78
C ASP A 306 -11.35 -6.71 19.25
N PHE A 307 -12.07 -5.74 19.82
CA PHE A 307 -12.46 -5.79 21.22
C PHE A 307 -13.97 -5.84 21.42
N ASP A 308 -14.75 -6.09 20.37
CA ASP A 308 -16.19 -6.20 20.52
C ASP A 308 -16.54 -7.44 21.34
N VAL A 309 -17.69 -7.39 22.01
CA VAL A 309 -18.14 -8.47 22.87
C VAL A 309 -19.03 -9.45 22.10
#